data_5J0K
#
_entry.id   5J0K
#
_cell.length_a   48.720
_cell.length_b   51.270
_cell.length_c   65.610
_cell.angle_alpha   90.00
_cell.angle_beta   90.00
_cell.angle_gamma   90.00
#
_symmetry.space_group_name_H-M   'P 21 21 21'
#
loop_
_entity.id
_entity.type
_entity.pdbx_description
1 polymer 'designed protein 2L4HC2_23'
2 water water
#
_entity_poly.entity_id   1
_entity_poly.type   'polypeptide(L)'
_entity_poly.pdbx_seq_one_letter_code
;GSHMGTRTEIIRELERSLREQEELAKRLKELLRELERLQREGSSDEDVRELLREIKELVEEIEKLAREQKYLVEELKRQD
;
_entity_poly.pdbx_strand_id   A,B
#
# COMPACT_ATOMS: atom_id res chain seq x y z
N THR A 6 -15.50 -2.85 24.44
CA THR A 6 -14.20 -2.24 24.05
C THR A 6 -13.64 -2.94 22.82
N ARG A 7 -13.95 -4.23 22.67
CA ARG A 7 -13.50 -5.01 21.53
C ARG A 7 -14.17 -4.50 20.25
N THR A 8 -15.48 -4.29 20.33
CA THR A 8 -16.25 -3.87 19.16
C THR A 8 -15.82 -2.52 18.61
N GLU A 9 -15.52 -1.57 19.49
CA GLU A 9 -15.15 -0.22 19.06
C GLU A 9 -13.81 -0.22 18.33
N ILE A 10 -12.87 -1.02 18.81
CA ILE A 10 -11.58 -1.16 18.17
C ILE A 10 -11.75 -1.85 16.82
N ILE A 11 -12.58 -2.88 16.79
CA ILE A 11 -12.82 -3.61 15.54
C ILE A 11 -13.45 -2.70 14.49
N ARG A 12 -14.39 -1.85 14.87
CA ARG A 12 -15.00 -0.93 13.90
C ARG A 12 -13.95 0.00 13.30
N GLU A 13 -13.04 0.48 14.14
CA GLU A 13 -11.97 1.36 13.66
C GLU A 13 -11.00 0.61 12.76
N LEU A 14 -10.67 -0.62 13.13
CA LEU A 14 -9.78 -1.43 12.34
C LEU A 14 -10.39 -1.73 10.96
N GLU A 15 -11.68 -2.03 10.93
CA GLU A 15 -12.36 -2.31 9.67
C GLU A 15 -12.35 -1.08 8.76
N ARG A 16 -12.52 0.11 9.33
CA ARG A 16 -12.42 1.34 8.54
CA ARG A 16 -12.44 1.34 8.54
C ARG A 16 -11.03 1.49 7.94
N SER A 17 -10.02 1.22 8.75
CA SER A 17 -8.64 1.33 8.31
C SER A 17 -8.32 0.36 7.17
N LEU A 18 -8.86 -0.86 7.25
CA LEU A 18 -8.61 -1.85 6.21
C LEU A 18 -9.31 -1.49 4.90
N ARG A 19 -10.50 -0.92 5.02
CA ARG A 19 -11.22 -0.42 3.84
C ARG A 19 -10.43 0.70 3.19
N GLU A 20 -9.85 1.57 4.00
CA GLU A 20 -9.04 2.67 3.49
C GLU A 20 -7.81 2.14 2.77
N GLN A 21 -7.20 1.09 3.30
CA GLN A 21 -6.04 0.47 2.66
C GLN A 21 -6.40 -0.06 1.27
N GLU A 22 -7.55 -0.71 1.16
CA GLU A 22 -8.03 -1.20 -0.13
C GLU A 22 -8.20 -0.07 -1.12
N GLU A 23 -8.86 1.00 -0.67
CA GLU A 23 -9.18 2.12 -1.54
C GLU A 23 -7.91 2.85 -1.99
N LEU A 24 -6.97 3.07 -1.08
CA LEU A 24 -5.72 3.72 -1.44
C LEU A 24 -4.91 2.90 -2.43
N ALA A 25 -4.90 1.59 -2.26
CA ALA A 25 -4.17 0.71 -3.17
C ALA A 25 -4.81 0.77 -4.57
N LYS A 26 -6.13 0.81 -4.60
CA LYS A 26 -6.86 0.91 -5.87
C LYS A 26 -6.52 2.22 -6.57
N ARG A 27 -6.50 3.31 -5.81
CA ARG A 27 -6.18 4.62 -6.37
C ARG A 27 -4.75 4.65 -6.89
N LEU A 28 -3.85 4.02 -6.16
CA LEU A 28 -2.44 3.97 -6.54
C LEU A 28 -2.29 3.21 -7.86
N LYS A 29 -3.02 2.11 -7.99
CA LYS A 29 -3.02 1.34 -9.22
C LYS A 29 -3.48 2.20 -10.41
N GLU A 30 -4.51 3.00 -10.19
CA GLU A 30 -5.04 3.90 -11.21
C GLU A 30 -3.97 4.89 -11.67
N LEU A 31 -3.25 5.48 -10.72
CA LEU A 31 -2.24 6.47 -11.05
C LEU A 31 -1.05 5.82 -11.77
N LEU A 32 -0.72 4.59 -11.38
CA LEU A 32 0.38 3.88 -12.02
C LEU A 32 0.03 3.51 -13.46
N ARG A 33 -1.24 3.15 -13.68
CA ARG A 33 -1.76 2.89 -15.01
C ARG A 33 -1.63 4.13 -15.88
N GLU A 34 -1.96 5.28 -15.31
CA GLU A 34 -1.86 6.55 -16.03
C GLU A 34 -0.41 6.89 -16.36
N LEU A 35 0.49 6.65 -15.41
CA LEU A 35 1.90 6.89 -15.62
C LEU A 35 2.43 6.02 -16.75
N GLU A 36 2.00 4.76 -16.78
CA GLU A 36 2.39 3.86 -17.86
C GLU A 36 1.93 4.37 -19.22
N ARG A 37 0.71 4.90 -19.26
CA ARG A 37 0.17 5.45 -20.50
C ARG A 37 0.97 6.67 -20.95
N LEU A 38 1.25 7.57 -20.02
CA LEU A 38 2.01 8.78 -20.35
C LEU A 38 3.42 8.44 -20.83
N GLN A 39 4.02 7.43 -20.21
CA GLN A 39 5.36 6.99 -20.60
C GLN A 39 5.34 6.35 -21.97
N ARG A 40 4.28 5.59 -22.25
CA ARG A 40 4.12 4.88 -23.51
C ARG A 40 3.90 5.83 -24.68
N GLU A 41 3.02 6.81 -24.50
CA GLU A 41 2.65 7.74 -25.56
C GLU A 41 3.48 9.01 -25.52
N GLY A 42 4.37 9.10 -24.52
CA GLY A 42 5.20 10.28 -24.34
C GLY A 42 4.46 11.39 -23.65
N SER A 43 5.19 12.20 -22.88
CA SER A 43 4.61 13.34 -22.18
C SER A 43 5.71 14.25 -21.65
N SER A 44 5.32 15.41 -21.16
CA SER A 44 6.27 16.34 -20.56
C SER A 44 6.82 15.80 -19.25
N ASP A 45 8.02 16.26 -18.90
CA ASP A 45 8.62 15.89 -17.62
C ASP A 45 7.74 16.34 -16.48
N GLU A 46 7.11 17.50 -16.66
CA GLU A 46 6.24 18.05 -15.63
C GLU A 46 5.04 17.15 -15.38
N ASP A 47 4.47 16.58 -16.44
CA ASP A 47 3.33 15.69 -16.31
C ASP A 47 3.71 14.44 -15.51
N VAL A 48 4.91 13.91 -15.74
CA VAL A 48 5.39 12.74 -15.01
CA VAL A 48 5.39 12.74 -15.01
C VAL A 48 5.63 13.11 -13.54
N ARG A 49 6.24 14.26 -13.30
CA ARG A 49 6.54 14.67 -11.93
C ARG A 49 5.25 14.84 -11.12
N GLU A 50 4.22 15.39 -11.74
CA GLU A 50 2.94 15.60 -11.07
C GLU A 50 2.33 14.27 -10.63
N LEU A 51 2.38 13.26 -11.49
CA LEU A 51 1.86 11.96 -11.11
C LEU A 51 2.72 11.33 -10.02
N LEU A 52 4.03 11.48 -10.13
CA LEU A 52 4.93 10.94 -9.12
C LEU A 52 4.67 11.58 -7.76
N ARG A 53 4.33 12.87 -7.75
CA ARG A 53 4.03 13.56 -6.50
C ARG A 53 2.80 12.96 -5.81
N GLU A 54 1.74 12.73 -6.58
CA GLU A 54 0.51 12.17 -6.02
CA GLU A 54 0.52 12.18 -6.01
C GLU A 54 0.72 10.72 -5.59
N ILE A 55 1.49 9.99 -6.38
CA ILE A 55 1.81 8.61 -6.06
C ILE A 55 2.58 8.54 -4.73
N LYS A 56 3.55 9.44 -4.55
CA LYS A 56 4.33 9.53 -3.34
C LYS A 56 3.44 9.81 -2.13
N GLU A 57 2.47 10.71 -2.30
CA GLU A 57 1.55 11.03 -1.22
C GLU A 57 0.73 9.82 -0.79
N LEU A 58 0.24 9.05 -1.76
CA LEU A 58 -0.57 7.89 -1.46
C LEU A 58 0.23 6.82 -0.72
N VAL A 59 1.49 6.62 -1.12
CA VAL A 59 2.31 5.61 -0.48
C VAL A 59 2.60 6.02 0.96
N GLU A 60 2.75 7.32 1.19
CA GLU A 60 2.94 7.82 2.55
C GLU A 60 1.69 7.57 3.39
N GLU A 61 0.51 7.72 2.78
CA GLU A 61 -0.73 7.45 3.48
C GLU A 61 -0.87 5.96 3.81
N ILE A 62 -0.46 5.10 2.88
CA ILE A 62 -0.50 3.66 3.10
C ILE A 62 0.41 3.25 4.26
N GLU A 63 1.56 3.91 4.39
CA GLU A 63 2.46 3.61 5.50
C GLU A 63 1.81 3.96 6.83
N LYS A 64 1.11 5.08 6.85
CA LYS A 64 0.42 5.54 8.05
C LYS A 64 -0.62 4.52 8.50
N LEU A 65 -1.32 3.91 7.55
CA LEU A 65 -2.36 2.94 7.87
C LEU A 65 -1.78 1.70 8.53
N ALA A 66 -0.59 1.30 8.09
CA ALA A 66 0.09 0.15 8.68
C ALA A 66 0.38 0.38 10.16
N ARG A 67 0.82 1.58 10.51
CA ARG A 67 1.11 1.90 11.90
C ARG A 67 -0.17 1.92 12.73
N GLU A 68 -1.25 2.44 12.14
CA GLU A 68 -2.54 2.47 12.82
C GLU A 68 -3.03 1.06 13.11
N GLN A 69 -2.92 0.19 12.11
CA GLN A 69 -3.44 -1.17 12.23
C GLN A 69 -2.64 -1.98 13.23
N LYS A 70 -1.34 -1.75 13.28
CA LYS A 70 -0.49 -2.40 14.27
C LYS A 70 -0.95 -2.03 15.68
N TYR A 71 -1.20 -0.74 15.89
CA TYR A 71 -1.69 -0.24 17.16
C TYR A 71 -3.04 -0.84 17.54
N LEU A 72 -3.97 -0.91 16.58
CA LEU A 72 -5.30 -1.44 16.86
C LEU A 72 -5.26 -2.95 17.14
N VAL A 73 -4.43 -3.68 16.40
CA VAL A 73 -4.32 -5.12 16.63
C VAL A 73 -3.70 -5.39 18.01
N GLU A 74 -2.72 -4.57 18.41
CA GLU A 74 -2.13 -4.69 19.74
C GLU A 74 -3.19 -4.44 20.82
N GLU A 75 -4.10 -3.49 20.57
CA GLU A 75 -5.19 -3.22 21.49
CA GLU A 75 -5.19 -3.22 21.49
C GLU A 75 -6.08 -4.45 21.67
N LEU A 76 -6.39 -5.11 20.57
CA LEU A 76 -7.20 -6.32 20.62
C LEU A 76 -6.46 -7.42 21.37
N LYS A 77 -5.14 -7.46 21.19
CA LYS A 77 -4.30 -8.42 21.86
C LYS A 77 -4.29 -8.16 23.37
N ARG A 78 -4.32 -6.88 23.74
CA ARG A 78 -4.28 -6.46 25.15
C ARG A 78 -5.68 -6.18 25.69
N GLN A 79 -6.49 -7.21 25.82
CA GLN A 79 -7.85 -7.07 26.34
C GLN A 79 -8.30 -8.35 27.04
N THR B 6 -7.95 -20.18 18.17
CA THR B 6 -7.75 -19.29 19.35
C THR B 6 -7.68 -17.81 18.92
N ARG B 7 -7.95 -16.91 19.85
CA ARG B 7 -7.75 -15.50 19.60
C ARG B 7 -6.26 -15.25 19.39
N THR B 8 -5.44 -15.92 20.20
CA THR B 8 -4.00 -15.72 20.14
C THR B 8 -3.43 -16.05 18.76
N GLU B 9 -3.87 -17.17 18.18
CA GLU B 9 -3.34 -17.60 16.88
C GLU B 9 -3.83 -16.69 15.75
N ILE B 10 -5.05 -16.18 15.84
CA ILE B 10 -5.57 -15.25 14.84
C ILE B 10 -4.79 -13.94 14.91
N ILE B 11 -4.51 -13.47 16.12
CA ILE B 11 -3.73 -12.26 16.29
C ILE B 11 -2.33 -12.45 15.70
N ARG B 12 -1.74 -13.63 15.90
CA ARG B 12 -0.43 -13.92 15.33
C ARG B 12 -0.48 -13.84 13.80
N GLU B 13 -1.58 -14.31 13.21
CA GLU B 13 -1.73 -14.23 11.76
C GLU B 13 -1.86 -12.77 11.32
N LEU B 14 -2.60 -11.97 12.09
CA LEU B 14 -2.70 -10.54 11.79
C LEU B 14 -1.34 -9.88 11.90
N GLU B 15 -0.57 -10.25 12.92
CA GLU B 15 0.76 -9.68 13.10
C GLU B 15 1.66 -10.03 11.92
N ARG B 16 1.56 -11.27 11.45
CA ARG B 16 2.31 -11.69 10.26
C ARG B 16 1.93 -10.84 9.05
N SER B 17 0.63 -10.70 8.83
CA SER B 17 0.16 -10.00 7.65
C SER B 17 0.60 -8.54 7.68
N LEU B 18 0.60 -7.93 8.87
CA LEU B 18 1.03 -6.54 9.01
C LEU B 18 2.54 -6.40 8.82
N ARG B 19 3.32 -7.41 9.24
CA ARG B 19 4.75 -7.39 8.98
C ARG B 19 5.01 -7.43 7.48
N GLU B 20 4.25 -8.25 6.78
CA GLU B 20 4.37 -8.35 5.33
C GLU B 20 4.01 -7.02 4.66
N GLN B 21 2.94 -6.39 5.15
CA GLN B 21 2.52 -5.08 4.64
C GLN B 21 3.59 -4.01 4.86
N GLU B 22 4.23 -4.04 6.03
CA GLU B 22 5.30 -3.10 6.36
C GLU B 22 6.46 -3.24 5.37
N GLU B 23 6.85 -4.48 5.11
CA GLU B 23 7.99 -4.75 4.23
C GLU B 23 7.68 -4.30 2.80
N LEU B 24 6.46 -4.56 2.34
CA LEU B 24 6.06 -4.14 0.99
C LEU B 24 6.10 -2.62 0.86
N ALA B 25 5.65 -1.94 1.90
CA ALA B 25 5.64 -0.49 1.90
C ALA B 25 7.07 0.03 1.84
N LYS B 26 7.97 -0.60 2.58
CA LYS B 26 9.38 -0.21 2.59
C LYS B 26 9.98 -0.38 1.21
N ARG B 27 9.75 -1.54 0.60
CA ARG B 27 10.24 -1.82 -0.74
C ARG B 27 9.63 -0.88 -1.77
N LEU B 28 8.35 -0.55 -1.59
CA LEU B 28 7.65 0.32 -2.52
C LEU B 28 8.25 1.72 -2.56
N LYS B 29 8.55 2.28 -1.39
CA LYS B 29 9.20 3.60 -1.35
C LYS B 29 10.56 3.55 -2.02
N GLU B 30 11.29 2.46 -1.77
CA GLU B 30 12.61 2.27 -2.36
C GLU B 30 12.53 2.30 -3.89
N LEU B 31 11.57 1.58 -4.44
CA LEU B 31 11.44 1.50 -5.89
C LEU B 31 10.97 2.82 -6.48
N LEU B 32 10.13 3.54 -5.75
CA LEU B 32 9.67 4.84 -6.22
C LEU B 32 10.82 5.84 -6.24
N ARG B 33 11.74 5.74 -5.28
CA ARG B 33 12.94 6.57 -5.30
C ARG B 33 13.74 6.27 -6.58
N GLU B 34 13.82 5.00 -6.95
CA GLU B 34 14.52 4.61 -8.16
C GLU B 34 13.80 5.15 -9.38
N LEU B 35 12.48 5.07 -9.37
CA LEU B 35 11.66 5.56 -10.46
C LEU B 35 11.86 7.07 -10.66
N GLU B 36 11.92 7.81 -9.57
CA GLU B 36 12.17 9.24 -9.63
C GLU B 36 13.56 9.50 -10.22
N ARG B 37 14.53 8.67 -9.88
CA ARG B 37 15.87 8.80 -10.44
C ARG B 37 15.85 8.56 -11.94
N LEU B 38 15.13 7.53 -12.38
CA LEU B 38 15.08 7.21 -13.81
C LEU B 38 14.50 8.36 -14.60
N GLN B 39 13.47 9.01 -14.06
CA GLN B 39 12.86 10.15 -14.74
C GLN B 39 13.79 11.36 -14.71
N ARG B 40 14.44 11.56 -13.57
CA ARG B 40 15.30 12.72 -13.39
CA ARG B 40 15.30 12.72 -13.39
C ARG B 40 16.56 12.63 -14.24
N GLU B 41 17.22 11.48 -14.20
CA GLU B 41 18.51 11.30 -14.88
C GLU B 41 18.37 10.70 -16.27
N GLY B 42 17.15 10.35 -16.65
CA GLY B 42 16.92 9.73 -17.95
C GLY B 42 17.29 8.26 -17.92
N SER B 43 16.60 7.48 -18.75
CA SER B 43 16.84 6.06 -18.86
C SER B 43 16.12 5.50 -20.07
N SER B 44 16.40 4.24 -20.40
CA SER B 44 15.70 3.59 -21.50
C SER B 44 14.26 3.41 -21.10
N ASP B 45 13.37 3.36 -22.09
CA ASP B 45 11.96 3.12 -21.83
C ASP B 45 11.75 1.76 -21.18
N GLU B 46 12.58 0.79 -21.57
CA GLU B 46 12.48 -0.56 -21.05
C GLU B 46 12.76 -0.62 -19.55
N ASP B 47 13.75 0.13 -19.10
CA ASP B 47 14.10 0.18 -17.69
C ASP B 47 12.96 0.75 -16.85
N VAL B 48 12.30 1.79 -17.38
CA VAL B 48 11.18 2.41 -16.69
C VAL B 48 9.99 1.44 -16.65
N ARG B 49 9.68 0.83 -17.78
CA ARG B 49 8.59 -0.14 -17.86
C ARG B 49 8.81 -1.33 -16.95
N GLU B 50 10.06 -1.80 -16.87
CA GLU B 50 10.40 -2.91 -15.99
C GLU B 50 10.14 -2.57 -14.53
N LEU B 51 10.54 -1.37 -14.12
CA LEU B 51 10.34 -0.93 -12.75
C LEU B 51 8.86 -0.75 -12.43
N LEU B 52 8.10 -0.18 -13.37
CA LEU B 52 6.68 0.01 -13.17
C LEU B 52 5.94 -1.32 -13.03
N ARG B 53 6.40 -2.33 -13.76
CA ARG B 53 5.80 -3.66 -13.65
C ARG B 53 6.00 -4.20 -12.24
N GLU B 54 7.21 -4.03 -11.70
CA GLU B 54 7.51 -4.49 -10.35
C GLU B 54 6.71 -3.72 -9.30
N ILE B 55 6.62 -2.41 -9.46
CA ILE B 55 5.87 -1.57 -8.52
C ILE B 55 4.39 -1.98 -8.51
N LYS B 56 3.84 -2.22 -9.69
CA LYS B 56 2.44 -2.61 -9.80
C LYS B 56 2.16 -3.90 -9.03
N GLU B 57 3.08 -4.85 -9.12
CA GLU B 57 2.95 -6.11 -8.40
C GLU B 57 2.91 -5.89 -6.89
N LEU B 58 3.76 -4.99 -6.40
CA LEU B 58 3.79 -4.70 -4.97
C LEU B 58 2.48 -4.09 -4.49
N VAL B 59 1.91 -3.20 -5.30
CA VAL B 59 0.67 -2.53 -4.92
C VAL B 59 -0.48 -3.53 -4.89
N GLU B 60 -0.47 -4.49 -5.81
CA GLU B 60 -1.49 -5.52 -5.84
C GLU B 60 -1.42 -6.37 -4.58
N GLU B 61 -0.21 -6.61 -4.09
CA GLU B 61 -0.03 -7.37 -2.87
C GLU B 61 -0.57 -6.60 -1.66
N ILE B 62 -0.37 -5.28 -1.64
CA ILE B 62 -0.90 -4.46 -0.55
C ILE B 62 -2.43 -4.54 -0.53
N GLU B 63 -3.04 -4.54 -1.71
CA GLU B 63 -4.49 -4.66 -1.80
C GLU B 63 -4.93 -6.05 -1.34
N LYS B 64 -4.18 -7.07 -1.75
CA LYS B 64 -4.46 -8.44 -1.34
C LYS B 64 -4.39 -8.58 0.18
N LEU B 65 -3.41 -7.93 0.78
CA LEU B 65 -3.23 -8.01 2.23
C LEU B 65 -4.40 -7.36 2.96
N ALA B 66 -4.97 -6.30 2.41
CA ALA B 66 -6.13 -5.67 3.02
C ALA B 66 -7.28 -6.66 3.09
N ARG B 67 -7.50 -7.41 2.02
CA ARG B 67 -8.57 -8.41 1.98
C ARG B 67 -8.28 -9.56 2.93
N GLU B 68 -7.01 -9.96 3.02
CA GLU B 68 -6.63 -11.02 3.96
C GLU B 68 -6.88 -10.55 5.38
N GLN B 69 -6.51 -9.31 5.67
CA GLN B 69 -6.65 -8.78 7.01
C GLN B 69 -8.12 -8.63 7.39
N LYS B 70 -8.96 -8.23 6.44
CA LYS B 70 -10.40 -8.19 6.68
C LYS B 70 -10.96 -9.58 7.02
N TYR B 71 -10.51 -10.58 6.28
CA TYR B 71 -10.89 -11.96 6.54
C TYR B 71 -10.48 -12.39 7.94
N LEU B 72 -9.26 -12.06 8.33
CA LEU B 72 -8.77 -12.44 9.65
C LEU B 72 -9.53 -11.74 10.76
N VAL B 73 -9.87 -10.46 10.54
CA VAL B 73 -10.63 -9.70 11.53
C VAL B 73 -12.03 -10.28 11.68
N GLU B 74 -12.60 -10.75 10.57
CA GLU B 74 -13.90 -11.40 10.62
C GLU B 74 -13.86 -12.65 11.49
N GLU B 75 -12.74 -13.38 11.43
CA GLU B 75 -12.57 -14.56 12.27
C GLU B 75 -12.43 -14.17 13.74
N LEU B 76 -11.72 -13.09 13.98
CA LEU B 76 -11.46 -12.61 15.33
C LEU B 76 -12.75 -12.16 16.01
N LYS B 77 -13.66 -11.57 15.24
CA LYS B 77 -14.93 -11.07 15.74
C LYS B 77 -15.81 -12.18 16.30
N ARG B 78 -15.75 -13.35 15.67
CA ARG B 78 -16.59 -14.48 16.06
CA ARG B 78 -16.59 -14.48 16.06
C ARG B 78 -16.00 -15.22 17.25
#